data_4GG4
#
_entry.id   4GG4
#
_cell.length_a   99.735
_cell.length_b   99.735
_cell.length_c   134.494
_cell.angle_alpha   90.00
_cell.angle_beta   90.00
_cell.angle_gamma   120.00
#
_symmetry.space_group_name_H-M   'P 61'
#
loop_
_entity.id
_entity.type
_entity.pdbx_description
1 polymer Hax3
2 polymer "DNA (5'-D(*TP*GP*TP*CP*CP*CP*TP*TP*TP*AP*TP*CP*TP*CP*TP*CP*T)-3')"
3 polymer "RNA (5'-R(*AP*GP*AP*GP*AP*GP*AP*UP*AP*AP*AP*GP*GP*GP*AP*CP*A)-3')"
4 water water
#
loop_
_entity_poly.entity_id
_entity_poly.type
_entity_poly.pdbx_seq_one_letter_code
_entity_poly.pdbx_strand_id
1 'polypeptide(L)'
;MQWSGARALEALLTVAGELRGPPLQLDTGQLLKIAKRGGVTAVEAVHAWRNALTGAPLNLTPEQVVAIASHDGGKQALET
VQRLLPVLCQAHGLTPQQVVAIASHDGGKQALETVQRLLPVLCQAHGLTPEQVVAIASHDGGKQALETVQALLPVLCQAH
GLTPEQVVAIASNGGGKQALETVQRLLPVLCQAHGLTPQQVVAIASNGGGKQALETVQRLLPVLCQAHGLTPQQVVAIAS
NGGGKQALETVQRLLPVLCQAHGLTPQQVVAIASNIGGKQALETVQRLLPVLCQAHGLTPQQVVAIASNGGGKQALETVQ
RLLPVLCQAHGLTPQQVVAIASHDGGKQALETVQRLLPVLCQAHGLTPEQVVAIASNGGGKQALETVQRLLPVLCQAHGL
TPEQVVAIASHDGGKQALETVQRLLPVLCQAHGLTPQQVVAIASNGGGRPALESIVAQLSRPDPALAALTNDHLVALACL
GGRPALDAVKKLEHHHHHH
;
A
2 'polydeoxyribonucleotide' (DT)(DG)(DT)(DC)(DC)(DC)(DT)(DT)(DT)(DA)(DT)(DC)(DT)(DC)(DT)(DC)(DT) G
3 'polyribonucleotide' AGAGAGAUAAAGGGACA H
#
# COMPACT_ATOMS: atom_id res chain seq x y z
N GLY A 5 -18.60 13.69 19.77
CA GLY A 5 -19.88 13.33 19.18
C GLY A 5 -20.76 14.54 18.95
N ALA A 6 -21.57 14.87 19.96
CA ALA A 6 -22.47 16.02 19.87
C ALA A 6 -21.70 17.32 19.97
N ARG A 7 -20.76 17.38 20.90
CA ARG A 7 -19.92 18.57 21.08
C ARG A 7 -19.09 18.82 19.83
N ALA A 8 -18.58 17.74 19.24
CA ALA A 8 -17.75 17.84 18.05
C ALA A 8 -18.50 18.49 16.90
N LEU A 9 -19.72 18.00 16.65
CA LEU A 9 -20.55 18.55 15.59
C LEU A 9 -20.95 19.98 15.91
N GLU A 10 -21.13 20.25 17.20
CA GLU A 10 -21.49 21.60 17.65
C GLU A 10 -20.43 22.57 17.19
N ALA A 11 -19.20 22.33 17.63
CA ALA A 11 -18.05 23.14 17.26
C ALA A 11 -17.89 23.26 15.74
N LEU A 12 -18.10 22.14 15.04
CA LEU A 12 -17.99 22.04 13.58
C LEU A 12 -18.94 23.01 12.86
N LEU A 13 -20.22 22.94 13.20
CA LEU A 13 -21.24 23.76 12.56
C LEU A 13 -20.99 25.25 12.80
N THR A 14 -20.62 25.56 14.04
CA THR A 14 -20.25 26.91 14.46
C THR A 14 -19.11 27.52 13.62
N VAL A 15 -18.24 26.66 13.09
CA VAL A 15 -17.00 27.09 12.45
C VAL A 15 -17.00 26.80 10.93
N ALA A 16 -17.82 25.83 10.54
CA ALA A 16 -17.87 25.27 9.19
C ALA A 16 -17.69 26.31 8.09
N GLY A 17 -18.46 27.40 8.19
CA GLY A 17 -18.51 28.43 7.17
C GLY A 17 -17.17 29.01 6.84
N GLU A 18 -16.43 29.43 7.87
CA GLU A 18 -15.12 30.04 7.69
C GLU A 18 -14.08 29.14 7.00
N LEU A 19 -13.86 27.94 7.53
CA LEU A 19 -12.86 27.06 6.91
C LEU A 19 -13.36 26.37 5.64
N ARG A 20 -14.64 26.52 5.32
CA ARG A 20 -15.16 26.09 4.03
C ARG A 20 -14.64 27.04 2.95
N GLY A 21 -14.25 28.23 3.40
CA GLY A 21 -13.58 29.19 2.54
C GLY A 21 -12.13 29.34 2.96
N PRO A 22 -11.51 30.46 2.55
CA PRO A 22 -10.09 30.79 2.78
C PRO A 22 -9.72 30.72 4.25
N PRO A 23 -8.52 30.22 4.57
CA PRO A 23 -7.51 29.72 3.62
C PRO A 23 -7.58 28.22 3.31
N LEU A 24 -8.47 27.46 3.96
CA LEU A 24 -8.46 26.01 3.86
C LEU A 24 -9.42 25.43 2.82
N GLN A 25 -10.62 25.99 2.74
CA GLN A 25 -11.64 25.54 1.79
C GLN A 25 -11.93 24.06 1.92
N LEU A 26 -12.13 23.61 3.15
CA LEU A 26 -12.36 22.20 3.41
C LEU A 26 -13.75 21.78 2.94
N ASP A 27 -13.80 20.69 2.18
CA ASP A 27 -15.08 20.09 1.81
C ASP A 27 -15.72 19.43 3.05
N THR A 28 -16.96 18.99 2.93
CA THR A 28 -17.68 18.48 4.11
C THR A 28 -17.10 17.15 4.64
N GLY A 29 -16.60 16.31 3.73
CA GLY A 29 -15.94 15.08 4.13
C GLY A 29 -14.72 15.35 4.99
N GLN A 30 -14.01 16.43 4.68
CA GLN A 30 -12.84 16.83 5.45
C GLN A 30 -13.28 17.33 6.83
N LEU A 31 -14.43 17.98 6.88
CA LEU A 31 -14.96 18.54 8.11
C LEU A 31 -15.43 17.46 9.08
N LEU A 32 -16.13 16.46 8.53
CA LEU A 32 -16.60 15.33 9.31
C LEU A 32 -15.43 14.50 9.83
N LYS A 33 -14.42 14.31 8.99
CA LYS A 33 -13.29 13.45 9.31
C LYS A 33 -12.58 13.97 10.55
N ILE A 34 -12.29 15.28 10.54
CA ILE A 34 -11.58 15.93 11.63
C ILE A 34 -12.39 15.87 12.90
N ALA A 35 -13.69 16.10 12.77
CA ALA A 35 -14.59 16.04 13.92
C ALA A 35 -14.66 14.63 14.51
N LYS A 36 -14.74 13.64 13.63
CA LYS A 36 -14.89 12.26 14.07
C LYS A 36 -13.61 11.64 14.64
N ARG A 37 -12.46 12.06 14.13
CA ARG A 37 -11.21 11.41 14.48
C ARG A 37 -10.33 12.25 15.37
N GLY A 38 -10.42 13.55 15.22
CA GLY A 38 -9.62 14.50 15.97
C GLY A 38 -10.40 15.09 17.13
N GLY A 39 -11.72 15.10 17.01
CA GLY A 39 -12.58 15.57 18.09
C GLY A 39 -12.81 17.08 18.08
N VAL A 40 -13.49 17.55 19.13
CA VAL A 40 -13.79 18.97 19.32
C VAL A 40 -12.52 19.82 19.28
N THR A 41 -11.51 19.37 20.01
CA THR A 41 -10.25 20.08 20.14
C THR A 41 -9.58 20.29 18.79
N ALA A 42 -9.52 19.24 18.00
CA ALA A 42 -8.92 19.34 16.67
C ALA A 42 -9.68 20.34 15.80
N VAL A 43 -11.01 20.31 15.91
CA VAL A 43 -11.85 21.23 15.15
C VAL A 43 -11.56 22.67 15.53
N GLU A 44 -11.47 22.93 16.83
CA GLU A 44 -11.20 24.28 17.31
C GLU A 44 -9.77 24.73 16.98
N ALA A 45 -8.81 23.84 17.23
CA ALA A 45 -7.41 24.10 16.92
C ALA A 45 -7.20 24.46 15.46
N VAL A 46 -7.87 23.73 14.57
CA VAL A 46 -7.70 23.99 13.13
C VAL A 46 -8.24 25.36 12.79
N HIS A 47 -9.36 25.72 13.41
CA HIS A 47 -9.97 27.01 13.17
C HIS A 47 -9.10 28.16 13.70
N ALA A 48 -8.60 28.00 14.92
CA ALA A 48 -7.67 28.97 15.49
C ALA A 48 -6.46 29.23 14.59
N TRP A 49 -5.71 28.17 14.30
CA TRP A 49 -4.42 28.29 13.65
C TRP A 49 -4.47 28.16 12.14
N ARG A 50 -5.68 28.26 11.59
CA ARG A 50 -5.89 28.07 10.15
C ARG A 50 -5.01 28.99 9.32
N ASN A 51 -4.60 30.11 9.91
CA ASN A 51 -3.75 31.06 9.20
C ASN A 51 -2.27 30.74 9.35
N ALA A 52 -1.85 30.52 10.60
CA ALA A 52 -0.48 30.17 10.92
C ALA A 52 -0.01 28.94 10.14
N LEU A 53 -0.91 27.99 9.94
CA LEU A 53 -0.56 26.72 9.31
C LEU A 53 -0.45 26.81 7.79
N THR A 54 -1.26 27.67 7.18
CA THR A 54 -1.30 27.78 5.73
C THR A 54 -0.25 28.75 5.18
N GLY A 55 0.43 29.44 6.08
CA GLY A 55 1.38 30.46 5.66
C GLY A 55 2.82 30.15 6.00
N ALA A 56 3.69 31.09 5.65
CA ALA A 56 5.11 30.99 5.92
C ALA A 56 5.41 31.07 7.41
N PRO A 57 6.39 30.29 7.88
CA PRO A 57 7.27 29.45 7.05
C PRO A 57 6.67 28.08 6.69
N LEU A 58 5.52 27.76 7.28
CA LEU A 58 4.96 26.41 7.21
C LEU A 58 4.38 25.98 5.87
N ASN A 59 3.52 26.81 5.27
CA ASN A 59 3.03 26.56 3.91
C ASN A 59 2.35 25.19 3.69
N LEU A 60 1.64 24.70 4.71
CA LEU A 60 0.97 23.41 4.64
C LEU A 60 -0.27 23.49 3.77
N THR A 61 -0.56 22.41 3.04
CA THR A 61 -1.78 22.32 2.24
C THR A 61 -2.97 21.90 3.10
N PRO A 62 -4.20 22.22 2.64
CA PRO A 62 -5.41 21.75 3.33
C PRO A 62 -5.35 20.26 3.63
N GLU A 63 -5.04 19.45 2.62
CA GLU A 63 -4.93 18.01 2.79
C GLU A 63 -3.98 17.68 3.95
N GLN A 64 -2.79 18.29 3.92
CA GLN A 64 -1.81 18.08 4.97
C GLN A 64 -2.31 18.40 6.37
N VAL A 65 -3.09 19.46 6.49
CA VAL A 65 -3.63 19.87 7.80
C VAL A 65 -4.71 18.91 8.33
N VAL A 66 -5.69 18.62 7.48
CA VAL A 66 -6.70 17.60 7.70
C VAL A 66 -6.08 16.29 8.18
N ALA A 67 -5.01 15.88 7.50
CA ALA A 67 -4.36 14.62 7.79
C ALA A 67 -3.67 14.60 9.15
N ILE A 68 -3.20 15.77 9.58
CA ILE A 68 -2.58 15.88 10.89
C ILE A 68 -3.64 16.01 11.97
N ALA A 69 -4.72 16.73 11.65
CA ALA A 69 -5.80 16.90 12.60
C ALA A 69 -6.60 15.61 12.87
N SER A 70 -6.81 14.81 11.82
CA SER A 70 -7.69 13.63 11.92
C SER A 70 -7.15 12.46 12.75
N HIS A 71 -6.72 12.71 13.97
CA HIS A 71 -6.18 11.68 14.83
C HIS A 71 -6.42 12.07 16.28
N ASP A 72 -6.40 11.09 17.17
CA ASP A 72 -6.41 11.39 18.59
C ASP A 72 -5.21 12.27 18.89
N GLY A 73 -5.46 13.46 19.41
CA GLY A 73 -4.38 14.35 19.80
C GLY A 73 -3.97 15.33 18.73
N GLY A 74 -4.80 15.44 17.69
CA GLY A 74 -4.58 16.35 16.58
C GLY A 74 -4.18 17.77 16.96
N LYS A 75 -4.76 18.30 18.04
CA LYS A 75 -4.40 19.63 18.50
C LYS A 75 -2.92 19.66 18.84
N GLN A 76 -2.47 18.63 19.55
CA GLN A 76 -1.08 18.54 19.96
C GLN A 76 -0.12 18.41 18.77
N ALA A 77 -0.47 17.53 17.84
CA ALA A 77 0.34 17.34 16.64
C ALA A 77 0.39 18.61 15.80
N LEU A 78 -0.73 19.34 15.75
CA LEU A 78 -0.83 20.58 14.99
C LEU A 78 0.00 21.66 15.68
N GLU A 79 -0.01 21.63 17.00
CA GLU A 79 0.81 22.55 17.78
C GLU A 79 2.28 22.22 17.54
N THR A 80 2.61 20.94 17.68
CA THR A 80 4.01 20.51 17.57
C THR A 80 4.59 20.75 16.19
N VAL A 81 3.81 20.52 15.14
CA VAL A 81 4.30 20.77 13.79
C VAL A 81 4.70 22.23 13.64
N GLN A 82 3.77 23.12 13.96
CA GLN A 82 3.99 24.56 13.81
C GLN A 82 5.30 24.96 14.49
N ARG A 83 5.54 24.40 15.66
CA ARG A 83 6.74 24.67 16.42
C ARG A 83 8.01 24.05 15.79
N LEU A 84 7.98 22.75 15.49
CA LEU A 84 9.20 22.02 15.14
C LEU A 84 9.51 21.85 13.66
N LEU A 85 8.55 22.11 12.78
CA LEU A 85 8.79 21.91 11.36
C LEU A 85 10.00 22.67 10.80
N PRO A 86 10.11 23.99 11.10
CA PRO A 86 11.31 24.68 10.62
C PRO A 86 12.62 24.00 11.05
N VAL A 87 12.80 23.76 12.34
CA VAL A 87 14.00 23.13 12.84
C VAL A 87 14.34 21.80 12.17
N LEU A 88 13.32 21.01 11.84
CA LEU A 88 13.52 19.70 11.26
C LEU A 88 13.88 19.82 9.77
N CYS A 89 13.40 20.88 9.14
CA CYS A 89 13.72 21.12 7.74
C CYS A 89 15.06 21.82 7.58
N GLN A 90 15.38 22.69 8.54
CA GLN A 90 16.60 23.48 8.53
C GLN A 90 17.81 22.70 9.07
N ALA A 91 17.67 22.21 10.30
CA ALA A 91 18.79 21.61 11.03
C ALA A 91 18.88 20.07 10.99
N HIS A 92 18.01 19.42 10.23
CA HIS A 92 18.06 17.96 10.11
C HIS A 92 17.86 17.49 8.67
N GLY A 93 17.60 18.44 7.77
CA GLY A 93 17.43 18.14 6.37
C GLY A 93 16.31 17.15 6.09
N LEU A 94 15.13 17.48 6.60
CA LEU A 94 13.94 16.70 6.31
C LEU A 94 13.03 17.55 5.46
N THR A 95 12.19 16.91 4.66
CA THR A 95 11.23 17.63 3.83
C THR A 95 9.99 17.93 4.66
N PRO A 96 9.23 18.97 4.26
CA PRO A 96 7.94 19.20 4.93
C PRO A 96 7.01 17.99 4.77
N GLN A 97 7.09 17.31 3.64
CA GLN A 97 6.28 16.13 3.40
C GLN A 97 6.58 15.08 4.48
N GLN A 98 7.85 14.91 4.78
CA GLN A 98 8.30 13.99 5.83
C GLN A 98 7.84 14.41 7.23
N VAL A 99 7.87 15.71 7.51
CA VAL A 99 7.45 16.17 8.82
C VAL A 99 5.95 15.90 9.03
N VAL A 100 5.16 16.18 7.98
CA VAL A 100 3.75 15.89 7.97
C VAL A 100 3.46 14.41 8.24
N ALA A 101 4.19 13.52 7.57
CA ALA A 101 3.97 12.08 7.69
C ALA A 101 4.21 11.58 9.10
N ILE A 102 5.29 12.03 9.71
CA ILE A 102 5.53 11.76 11.13
C ILE A 102 4.36 12.25 12.01
N ALA A 103 3.76 13.37 11.61
CA ALA A 103 2.72 14.01 12.39
C ALA A 103 1.36 13.31 12.27
N SER A 104 1.13 12.64 11.14
CA SER A 104 -0.20 12.18 10.77
C SER A 104 -0.58 10.83 11.37
N HIS A 105 -0.32 10.66 12.66
CA HIS A 105 -0.67 9.44 13.36
C HIS A 105 -1.02 9.76 14.80
N ASP A 106 -1.73 8.85 15.47
CA ASP A 106 -1.99 9.00 16.88
C ASP A 106 -0.66 9.24 17.61
N GLY A 107 -0.60 10.28 18.43
CA GLY A 107 0.60 10.58 19.19
C GLY A 107 1.65 11.27 18.34
N GLY A 108 1.20 12.01 17.34
CA GLY A 108 2.09 12.67 16.41
C GLY A 108 3.05 13.66 17.07
N LYS A 109 2.63 14.21 18.21
CA LYS A 109 3.50 15.10 18.99
C LYS A 109 4.74 14.37 19.51
N GLN A 110 4.54 13.16 20.04
CA GLN A 110 5.63 12.38 20.61
C GLN A 110 6.62 11.98 19.54
N ALA A 111 6.09 11.47 18.44
CA ALA A 111 6.93 11.03 17.35
C ALA A 111 7.80 12.19 16.84
N LEU A 112 7.21 13.38 16.74
CA LEU A 112 7.92 14.56 16.24
C LEU A 112 9.01 15.03 17.20
N GLU A 113 8.71 14.99 18.48
CA GLU A 113 9.69 15.39 19.47
C GLU A 113 10.82 14.37 19.52
N THR A 114 10.45 13.08 19.54
CA THR A 114 11.42 12.00 19.60
C THR A 114 12.33 11.95 18.36
N VAL A 115 11.78 12.23 17.19
CA VAL A 115 12.62 12.34 15.99
C VAL A 115 13.66 13.46 16.14
N GLN A 116 13.22 14.64 16.56
CA GLN A 116 14.12 15.76 16.74
C GLN A 116 15.25 15.39 17.70
N ARG A 117 14.89 14.64 18.74
CA ARG A 117 15.86 14.25 19.74
C ARG A 117 16.77 13.08 19.31
N LEU A 118 16.22 12.12 18.58
CA LEU A 118 16.94 10.88 18.34
C LEU A 118 17.48 10.72 16.94
N LEU A 119 17.10 11.60 16.03
CA LEU A 119 17.59 11.49 14.66
C LEU A 119 19.12 11.63 14.53
N PRO A 120 19.72 12.62 15.24
CA PRO A 120 21.19 12.70 15.26
C PRO A 120 21.91 11.42 15.72
N VAL A 121 21.47 10.84 16.82
CA VAL A 121 22.11 9.64 17.34
C VAL A 121 21.89 8.43 16.43
N LEU A 122 20.69 8.33 15.87
CA LEU A 122 20.33 7.19 15.02
C LEU A 122 21.05 7.22 13.67
N CYS A 123 21.25 8.42 13.13
CA CYS A 123 22.03 8.58 11.90
C CYS A 123 23.54 8.48 12.13
N GLN A 124 24.02 9.31 13.05
CA GLN A 124 25.46 9.45 13.26
C GLN A 124 26.11 8.26 13.97
N ALA A 125 25.33 7.48 14.70
CA ALA A 125 25.93 6.41 15.49
C ALA A 125 25.46 5.02 15.08
N HIS A 126 24.26 4.90 14.52
CA HIS A 126 23.79 3.59 14.09
C HIS A 126 23.79 3.47 12.58
N GLY A 127 24.28 4.51 11.92
CA GLY A 127 24.44 4.50 10.48
C GLY A 127 23.14 4.46 9.69
N LEU A 128 22.06 4.99 10.25
CA LEU A 128 20.80 5.05 9.52
C LEU A 128 20.63 6.34 8.71
N THR A 129 19.86 6.25 7.64
CA THR A 129 19.52 7.42 6.83
C THR A 129 18.36 8.16 7.47
N PRO A 130 18.16 9.42 7.10
CA PRO A 130 16.99 10.08 7.69
C PRO A 130 15.69 9.41 7.20
N GLU A 131 15.67 9.02 5.92
CA GLU A 131 14.54 8.29 5.34
C GLU A 131 14.13 7.11 6.23
N GLN A 132 15.12 6.37 6.71
CA GLN A 132 14.87 5.24 7.58
C GLN A 132 14.26 5.63 8.89
N VAL A 133 14.73 6.74 9.45
CA VAL A 133 14.26 7.21 10.74
C VAL A 133 12.81 7.67 10.60
N VAL A 134 12.55 8.42 9.53
CA VAL A 134 11.22 8.87 9.17
C VAL A 134 10.27 7.68 9.06
N ALA A 135 10.70 6.64 8.34
CA ALA A 135 9.86 5.46 8.20
C ALA A 135 9.53 4.85 9.57
N ILE A 136 10.52 4.73 10.46
CA ILE A 136 10.23 4.20 11.80
C ILE A 136 9.24 5.07 12.56
N ALA A 137 9.37 6.38 12.38
CA ALA A 137 8.52 7.32 13.11
C ALA A 137 7.08 7.38 12.57
N SER A 138 6.88 6.97 11.32
CA SER A 138 5.63 7.26 10.63
C SER A 138 4.51 6.28 10.91
N HIS A 139 4.35 5.97 12.19
CA HIS A 139 3.34 5.02 12.64
C HIS A 139 2.92 5.36 14.06
N ASP A 140 1.76 4.85 14.45
CA ASP A 140 1.29 4.98 15.83
C ASP A 140 2.39 4.43 16.73
N GLY A 141 2.72 5.17 17.79
CA GLY A 141 3.72 4.71 18.75
C GLY A 141 5.15 4.82 18.26
N GLY A 142 5.38 5.77 17.35
CA GLY A 142 6.69 5.98 16.75
C GLY A 142 7.77 6.32 17.76
N LYS A 143 7.41 7.16 18.72
CA LYS A 143 8.30 7.47 19.84
C LYS A 143 8.83 6.19 20.45
N GLN A 144 7.94 5.23 20.71
CA GLN A 144 8.37 3.97 21.29
C GLN A 144 9.29 3.20 20.35
N ALA A 145 8.93 3.17 19.07
CA ALA A 145 9.71 2.42 18.10
C ALA A 145 11.11 2.99 17.92
N LEU A 146 11.21 4.32 17.85
CA LEU A 146 12.49 5.00 17.71
C LEU A 146 13.39 4.75 18.91
N GLU A 147 12.80 4.86 20.10
CA GLU A 147 13.51 4.57 21.33
C GLU A 147 13.91 3.11 21.44
N THR A 148 13.08 2.22 20.95
CA THR A 148 13.40 0.82 21.05
C THR A 148 14.47 0.46 20.02
N VAL A 149 14.39 1.07 18.84
CA VAL A 149 15.45 0.88 17.86
C VAL A 149 16.77 1.37 18.43
N GLN A 150 16.75 2.56 19.03
CA GLN A 150 17.96 3.11 19.63
C GLN A 150 18.59 2.17 20.64
N ALA A 151 17.75 1.56 21.47
CA ALA A 151 18.23 0.64 22.47
C ALA A 151 18.66 -0.71 21.89
N LEU A 152 17.90 -1.23 20.94
CA LEU A 152 18.04 -2.64 20.55
C LEU A 152 18.68 -2.92 19.19
N LEU A 153 18.81 -1.91 18.33
CA LEU A 153 19.45 -2.11 17.02
C LEU A 153 20.83 -2.81 17.14
N PRO A 154 21.72 -2.28 18.02
CA PRO A 154 23.04 -2.93 18.14
C PRO A 154 23.03 -4.35 18.70
N VAL A 155 22.24 -4.63 19.73
CA VAL A 155 22.24 -6.01 20.22
C VAL A 155 21.61 -6.98 19.21
N LEU A 156 20.57 -6.53 18.53
CA LEU A 156 19.96 -7.37 17.50
C LEU A 156 20.88 -7.66 16.30
N CYS A 157 21.76 -6.72 15.99
CA CYS A 157 22.72 -6.89 14.91
C CYS A 157 23.97 -7.62 15.39
N GLN A 158 24.50 -7.19 16.52
CA GLN A 158 25.75 -7.74 17.05
C GLN A 158 25.68 -9.21 17.52
N ALA A 159 24.54 -9.61 18.09
CA ALA A 159 24.44 -10.94 18.70
C ALA A 159 23.55 -11.92 17.94
N HIS A 160 22.53 -11.40 17.27
CA HIS A 160 21.55 -12.21 16.57
C HIS A 160 21.86 -12.25 15.11
N GLY A 161 22.67 -11.31 14.65
CA GLY A 161 23.15 -11.30 13.28
C GLY A 161 22.19 -10.71 12.26
N LEU A 162 21.20 -9.96 12.75
CA LEU A 162 20.31 -9.25 11.85
C LEU A 162 21.07 -8.09 11.23
N THR A 163 20.55 -7.56 10.12
CA THR A 163 21.08 -6.33 9.53
C THR A 163 20.25 -5.15 10.03
N PRO A 164 20.85 -3.95 10.01
CA PRO A 164 20.12 -2.72 10.31
C PRO A 164 18.80 -2.65 9.55
N GLU A 165 18.81 -3.02 8.28
CA GLU A 165 17.62 -2.92 7.44
C GLU A 165 16.51 -3.87 7.87
N GLN A 166 16.89 -5.04 8.32
CA GLN A 166 15.93 -5.97 8.92
C GLN A 166 15.34 -5.39 10.20
N VAL A 167 16.20 -4.78 11.01
CA VAL A 167 15.79 -4.14 12.26
C VAL A 167 14.85 -2.96 12.01
N VAL A 168 15.16 -2.16 11.00
CA VAL A 168 14.29 -1.07 10.57
C VAL A 168 12.95 -1.57 10.03
N ALA A 169 13.01 -2.68 9.30
CA ALA A 169 11.79 -3.29 8.77
C ALA A 169 10.86 -3.76 9.89
N ILE A 170 11.42 -4.26 10.98
CA ILE A 170 10.62 -4.75 12.11
C ILE A 170 10.04 -3.58 12.91
N ALA A 171 10.81 -2.50 12.97
CA ALA A 171 10.42 -1.32 13.71
C ALA A 171 9.34 -0.51 13.00
N SER A 172 9.26 -0.64 11.69
CA SER A 172 8.47 0.28 10.85
C SER A 172 7.01 -0.14 10.67
N ASN A 173 6.43 -0.72 11.70
CA ASN A 173 4.99 -0.90 11.74
C ASN A 173 4.50 -0.42 13.08
N GLY A 174 3.19 -0.26 13.21
CA GLY A 174 2.64 0.02 14.53
C GLY A 174 2.95 -1.17 15.41
N GLY A 175 3.16 -0.93 16.70
CA GLY A 175 3.62 -1.98 17.59
C GLY A 175 5.07 -2.39 17.36
N GLY A 176 5.82 -1.53 16.67
CA GLY A 176 7.23 -1.80 16.36
C GLY A 176 8.07 -2.12 17.59
N LYS A 177 7.82 -1.40 18.67
CA LYS A 177 8.48 -1.65 19.94
C LYS A 177 8.16 -3.07 20.39
N GLN A 178 6.90 -3.47 20.27
CA GLN A 178 6.52 -4.82 20.69
C GLN A 178 7.17 -5.88 19.79
N ALA A 179 7.18 -5.62 18.49
CA ALA A 179 7.77 -6.57 17.53
C ALA A 179 9.26 -6.76 17.77
N LEU A 180 9.99 -5.66 17.97
CA LEU A 180 11.43 -5.76 18.21
C LEU A 180 11.77 -6.53 19.50
N GLU A 181 11.10 -6.18 20.60
CA GLU A 181 11.34 -6.86 21.88
C GLU A 181 11.00 -8.34 21.81
N THR A 182 10.01 -8.70 21.01
CA THR A 182 9.65 -10.09 20.86
C THR A 182 10.72 -10.83 20.07
N VAL A 183 11.21 -10.21 19.01
CA VAL A 183 12.26 -10.83 18.22
C VAL A 183 13.47 -11.12 19.08
N GLN A 184 13.89 -10.13 19.85
CA GLN A 184 14.98 -10.30 20.79
C GLN A 184 14.76 -11.49 21.70
N ARG A 185 13.52 -11.65 22.17
CA ARG A 185 13.19 -12.74 23.09
C ARG A 185 13.07 -14.11 22.43
N LEU A 186 12.55 -14.13 21.20
CA LEU A 186 12.12 -15.39 20.60
C LEU A 186 12.97 -15.95 19.45
N LEU A 187 13.85 -15.11 18.90
CA LEU A 187 14.67 -15.53 17.77
C LEU A 187 15.52 -16.79 18.04
N PRO A 188 16.24 -16.84 19.17
CA PRO A 188 16.99 -18.08 19.43
C PRO A 188 16.10 -19.31 19.61
N VAL A 189 15.02 -19.16 20.36
CA VAL A 189 14.07 -20.24 20.56
C VAL A 189 13.54 -20.74 19.22
N LEU A 190 13.01 -19.83 18.42
CA LEU A 190 12.38 -20.19 17.14
C LEU A 190 13.36 -20.74 16.10
N CYS A 191 14.60 -20.28 16.14
CA CYS A 191 15.61 -20.83 15.25
C CYS A 191 16.09 -22.20 15.74
N GLN A 192 16.48 -22.26 17.01
CA GLN A 192 17.17 -23.44 17.56
C GLN A 192 16.25 -24.39 18.30
N ALA A 193 15.00 -24.49 17.87
CA ALA A 193 14.09 -25.47 18.45
C ALA A 193 13.04 -25.87 17.43
N HIS A 194 12.55 -24.90 16.66
CA HIS A 194 11.56 -25.19 15.64
C HIS A 194 12.19 -25.20 14.26
N GLY A 195 13.45 -24.77 14.21
CA GLY A 195 14.26 -24.87 12.99
C GLY A 195 14.08 -23.77 11.96
N LEU A 196 13.81 -22.55 12.42
CA LEU A 196 13.63 -21.44 11.49
C LEU A 196 14.91 -20.64 11.30
N THR A 197 15.02 -19.98 10.14
CA THR A 197 16.13 -19.10 9.88
C THR A 197 15.79 -17.72 10.42
N PRO A 198 16.81 -16.91 10.74
CA PRO A 198 16.53 -15.53 11.17
C PRO A 198 15.77 -14.75 10.09
N GLN A 199 15.93 -15.13 8.83
CA GLN A 199 15.19 -14.47 7.75
C GLN A 199 13.70 -14.72 7.89
N GLN A 200 13.36 -15.98 8.14
CA GLN A 200 11.97 -16.36 8.38
C GLN A 200 11.43 -15.62 9.59
N VAL A 201 12.25 -15.51 10.62
CA VAL A 201 11.82 -14.84 11.85
C VAL A 201 11.55 -13.36 11.57
N VAL A 202 12.43 -12.75 10.78
CA VAL A 202 12.27 -11.35 10.46
C VAL A 202 11.00 -11.12 9.66
N ALA A 203 10.75 -12.03 8.72
CA ALA A 203 9.59 -11.93 7.85
C ALA A 203 8.28 -11.90 8.65
N ILE A 204 8.18 -12.77 9.64
CA ILE A 204 7.02 -12.85 10.49
C ILE A 204 6.90 -11.59 11.35
N ALA A 205 8.04 -11.03 11.72
CA ALA A 205 8.06 -9.89 12.62
C ALA A 205 7.76 -8.56 11.92
N SER A 206 7.98 -8.51 10.61
CA SER A 206 7.98 -7.25 9.85
C SER A 206 6.62 -6.74 9.37
N ASN A 207 5.56 -7.24 9.99
CA ASN A 207 4.22 -6.69 9.77
C ASN A 207 3.67 -6.22 11.10
N GLY A 208 2.69 -5.33 11.08
CA GLY A 208 1.95 -4.97 12.26
C GLY A 208 1.41 -6.20 12.96
N GLY A 209 1.46 -6.20 14.28
CA GLY A 209 1.04 -7.36 15.04
C GLY A 209 2.07 -8.47 15.00
N GLY A 210 3.32 -8.12 14.71
CA GLY A 210 4.39 -9.09 14.57
C GLY A 210 4.63 -9.87 15.86
N LYS A 211 4.56 -9.18 16.99
CA LYS A 211 4.68 -9.81 18.29
C LYS A 211 3.69 -10.95 18.40
N GLN A 212 2.44 -10.65 18.01
CA GLN A 212 1.39 -11.65 18.10
C GLN A 212 1.69 -12.83 17.17
N ALA A 213 2.08 -12.52 15.93
CA ALA A 213 2.43 -13.55 14.96
C ALA A 213 3.58 -14.44 15.46
N LEU A 214 4.67 -13.82 15.92
CA LEU A 214 5.80 -14.59 16.44
C LEU A 214 5.38 -15.55 17.55
N GLU A 215 4.63 -15.03 18.51
CA GLU A 215 4.20 -15.83 19.64
C GLU A 215 3.31 -16.98 19.19
N THR A 216 2.48 -16.72 18.19
CA THR A 216 1.56 -17.75 17.68
C THR A 216 2.31 -18.80 16.88
N VAL A 217 3.41 -18.41 16.26
CA VAL A 217 4.21 -19.39 15.53
C VAL A 217 4.88 -20.34 16.52
N GLN A 218 5.45 -19.79 17.59
CA GLN A 218 6.04 -20.62 18.61
C GLN A 218 5.02 -21.63 19.16
N ARG A 219 3.85 -21.12 19.53
CA ARG A 219 2.80 -21.96 20.05
C ARG A 219 2.33 -23.02 19.04
N LEU A 220 2.11 -22.62 17.80
CA LEU A 220 1.36 -23.47 16.87
C LEU A 220 2.17 -24.24 15.84
N LEU A 221 3.45 -23.95 15.75
CA LEU A 221 4.28 -24.61 14.74
C LEU A 221 4.25 -26.15 14.85
N PRO A 222 4.47 -26.70 16.06
CA PRO A 222 4.45 -28.16 16.18
C PRO A 222 3.12 -28.75 15.74
N VAL A 223 2.03 -28.12 16.17
CA VAL A 223 0.69 -28.60 15.86
C VAL A 223 0.39 -28.62 14.36
N LEU A 224 0.68 -27.51 13.68
CA LEU A 224 0.41 -27.43 12.25
C LEU A 224 1.27 -28.40 11.45
N CYS A 225 2.46 -28.67 11.94
CA CYS A 225 3.36 -29.59 11.25
C CYS A 225 3.12 -31.05 11.62
N GLN A 226 3.24 -31.32 12.92
CA GLN A 226 3.19 -32.69 13.44
C GLN A 226 1.79 -33.25 13.56
N ALA A 227 0.79 -32.54 13.05
CA ALA A 227 -0.59 -33.03 13.16
C ALA A 227 -1.41 -32.73 11.91
N HIS A 228 -1.27 -31.53 11.37
CA HIS A 228 -2.04 -31.17 10.18
C HIS A 228 -1.25 -31.41 8.90
N GLY A 229 0.00 -31.84 9.04
CA GLY A 229 0.82 -32.21 7.89
C GLY A 229 1.38 -31.05 7.08
N LEU A 230 1.45 -29.88 7.69
CA LEU A 230 2.00 -28.69 7.04
C LEU A 230 3.51 -28.59 7.26
N THR A 231 4.23 -27.98 6.31
CA THR A 231 5.66 -27.70 6.47
C THR A 231 5.90 -26.34 7.13
N PRO A 232 7.09 -26.17 7.75
CA PRO A 232 7.41 -24.87 8.34
C PRO A 232 7.44 -23.71 7.34
N GLN A 233 7.78 -23.99 6.09
CA GLN A 233 7.77 -22.96 5.06
C GLN A 233 6.34 -22.43 4.88
N GLN A 234 5.38 -23.34 4.95
CA GLN A 234 3.97 -23.02 4.84
C GLN A 234 3.46 -22.26 6.07
N VAL A 235 3.92 -22.63 7.25
CA VAL A 235 3.47 -21.96 8.46
C VAL A 235 3.99 -20.53 8.46
N VAL A 236 5.25 -20.38 8.05
CA VAL A 236 5.88 -19.08 7.89
C VAL A 236 5.14 -18.21 6.87
N ALA A 237 4.70 -18.81 5.77
CA ALA A 237 4.00 -18.04 4.74
C ALA A 237 2.64 -17.50 5.22
N ILE A 238 1.96 -18.31 6.04
CA ILE A 238 0.72 -17.89 6.64
C ILE A 238 0.97 -16.77 7.65
N ALA A 239 2.03 -16.93 8.43
CA ALA A 239 2.29 -16.00 9.50
C ALA A 239 2.89 -14.66 9.01
N SER A 240 3.41 -14.65 7.78
CA SER A 240 4.14 -13.49 7.25
C SER A 240 3.30 -12.35 6.65
N ASN A 241 2.06 -12.21 7.11
CA ASN A 241 1.25 -11.06 6.75
C ASN A 241 0.72 -10.45 8.02
N GLY A 242 0.25 -9.21 7.93
CA GLY A 242 -0.46 -8.60 9.03
C GLY A 242 -1.63 -9.50 9.44
N GLY A 243 -1.92 -9.53 10.74
CA GLY A 243 -2.95 -10.42 11.25
C GLY A 243 -2.60 -11.88 11.08
N GLY A 244 -1.31 -12.17 11.03
CA GLY A 244 -0.81 -13.54 10.84
C GLY A 244 -1.18 -14.46 11.99
N LYS A 245 -1.34 -13.90 13.19
CA LYS A 245 -1.83 -14.68 14.31
C LYS A 245 -3.26 -15.17 14.02
N GLN A 246 -4.08 -14.28 13.48
CA GLN A 246 -5.46 -14.62 13.14
C GLN A 246 -5.52 -15.69 12.05
N ALA A 247 -4.59 -15.59 11.10
CA ALA A 247 -4.59 -16.55 10.00
C ALA A 247 -4.13 -17.95 10.47
N LEU A 248 -3.11 -17.99 11.31
CA LEU A 248 -2.61 -19.26 11.86
C LEU A 248 -3.71 -19.96 12.66
N GLU A 249 -4.32 -19.26 13.60
CA GLU A 249 -5.32 -19.88 14.44
C GLU A 249 -6.43 -20.42 13.58
N THR A 250 -6.81 -19.64 12.58
CA THR A 250 -7.89 -20.04 11.70
C THR A 250 -7.53 -21.26 10.85
N VAL A 251 -6.28 -21.40 10.44
CA VAL A 251 -5.90 -22.59 9.69
C VAL A 251 -6.06 -23.83 10.59
N GLN A 252 -5.55 -23.72 11.81
CA GLN A 252 -5.72 -24.77 12.80
C GLN A 252 -7.21 -25.18 12.96
N ARG A 253 -8.08 -24.19 13.08
CA ARG A 253 -9.50 -24.44 13.28
C ARG A 253 -10.23 -24.95 12.04
N LEU A 254 -9.93 -24.38 10.88
CA LEU A 254 -10.71 -24.67 9.66
C LEU A 254 -10.08 -25.62 8.65
N LEU A 255 -8.81 -25.97 8.82
CA LEU A 255 -8.16 -26.83 7.81
C LEU A 255 -8.82 -28.20 7.57
N PRO A 256 -9.20 -28.92 8.65
CA PRO A 256 -9.88 -30.21 8.43
C PRO A 256 -11.27 -30.04 7.80
N VAL A 257 -12.11 -29.21 8.41
CA VAL A 257 -13.39 -28.80 7.84
C VAL A 257 -13.31 -28.48 6.34
N LEU A 258 -12.38 -27.58 5.99
CA LEU A 258 -12.31 -27.07 4.61
C LEU A 258 -11.87 -28.13 3.62
N CYS A 259 -11.01 -29.04 4.09
CA CYS A 259 -10.57 -30.13 3.24
C CYS A 259 -11.68 -31.17 3.08
N GLN A 260 -12.32 -31.54 4.19
CA GLN A 260 -13.23 -32.67 4.17
C GLN A 260 -14.68 -32.37 3.73
N ALA A 261 -15.24 -31.24 4.16
CA ALA A 261 -16.61 -30.93 3.79
C ALA A 261 -16.74 -30.20 2.45
N HIS A 262 -15.69 -29.48 2.07
CA HIS A 262 -15.69 -28.71 0.83
C HIS A 262 -14.65 -29.20 -0.19
N GLY A 263 -13.92 -30.26 0.15
CA GLY A 263 -13.03 -30.90 -0.80
C GLY A 263 -11.69 -30.24 -1.14
N LEU A 264 -11.36 -29.13 -0.47
CA LEU A 264 -10.11 -28.44 -0.77
C LEU A 264 -8.91 -29.25 -0.30
N THR A 265 -7.73 -28.91 -0.81
CA THR A 265 -6.48 -29.50 -0.38
C THR A 265 -5.83 -28.53 0.62
N PRO A 266 -4.85 -29.03 1.41
CA PRO A 266 -4.05 -28.16 2.28
C PRO A 266 -3.39 -27.04 1.50
N GLN A 267 -2.88 -27.41 0.33
CA GLN A 267 -2.25 -26.51 -0.62
C GLN A 267 -3.14 -25.30 -0.84
N GLN A 268 -4.39 -25.57 -1.17
CA GLN A 268 -5.33 -24.49 -1.48
C GLN A 268 -5.66 -23.72 -0.19
N VAL A 269 -5.77 -24.43 0.93
CA VAL A 269 -6.00 -23.80 2.20
C VAL A 269 -4.87 -22.82 2.58
N VAL A 270 -3.63 -23.29 2.49
CA VAL A 270 -2.47 -22.45 2.76
C VAL A 270 -2.44 -21.20 1.86
N ALA A 271 -2.78 -21.39 0.60
CA ALA A 271 -2.85 -20.28 -0.35
C ALA A 271 -3.86 -19.22 0.08
N ILE A 272 -5.02 -19.65 0.55
CA ILE A 272 -6.07 -18.73 1.02
C ILE A 272 -5.66 -17.98 2.29
N ALA A 273 -4.93 -18.64 3.17
CA ALA A 273 -4.56 -18.04 4.43
C ALA A 273 -3.34 -17.11 4.30
N SER A 274 -2.58 -17.29 3.21
CA SER A 274 -1.34 -16.57 3.01
C SER A 274 -1.55 -15.18 2.41
N ASN A 275 -2.45 -14.42 3.00
CA ASN A 275 -2.72 -13.06 2.56
C ASN A 275 -3.30 -12.22 3.69
N ILE A 276 -3.09 -10.91 3.62
CA ILE A 276 -3.67 -10.00 4.61
C ILE A 276 -5.15 -10.29 4.72
N GLY A 277 -5.62 -10.53 5.94
CA GLY A 277 -7.01 -10.86 6.16
C GLY A 277 -7.30 -12.32 5.88
N GLY A 278 -6.25 -13.11 5.81
CA GLY A 278 -6.38 -14.55 5.60
C GLY A 278 -7.46 -15.24 6.43
N LYS A 279 -7.56 -14.89 7.71
CA LYS A 279 -8.62 -15.44 8.54
C LYS A 279 -10.00 -15.15 7.94
N GLN A 280 -10.19 -13.93 7.44
CA GLN A 280 -11.46 -13.56 6.86
C GLN A 280 -11.76 -14.34 5.55
N ALA A 281 -10.76 -14.47 4.67
CA ALA A 281 -10.95 -15.21 3.43
C ALA A 281 -11.31 -16.67 3.71
N LEU A 282 -10.62 -17.29 4.67
CA LEU A 282 -10.90 -18.67 5.02
C LEU A 282 -12.37 -18.85 5.39
N GLU A 283 -12.81 -18.11 6.40
CA GLU A 283 -14.19 -18.21 6.92
C GLU A 283 -15.18 -17.88 5.83
N THR A 284 -14.78 -17.05 4.87
CA THR A 284 -15.71 -16.65 3.82
C THR A 284 -15.79 -17.72 2.76
N VAL A 285 -14.71 -18.45 2.58
CA VAL A 285 -14.75 -19.58 1.66
C VAL A 285 -15.71 -20.63 2.22
N GLN A 286 -15.52 -20.97 3.48
CA GLN A 286 -16.32 -22.00 4.13
C GLN A 286 -17.81 -21.67 4.10
N ARG A 287 -18.13 -20.38 4.15
CA ARG A 287 -19.52 -19.95 4.17
C ARG A 287 -20.05 -19.61 2.78
N LEU A 288 -19.16 -19.34 1.84
CA LEU A 288 -19.58 -18.88 0.52
C LEU A 288 -19.35 -19.89 -0.60
N LEU A 289 -18.48 -20.88 -0.38
CA LEU A 289 -18.17 -21.83 -1.44
C LEU A 289 -19.39 -22.61 -1.99
N PRO A 290 -20.25 -23.16 -1.10
CA PRO A 290 -21.46 -23.82 -1.59
C PRO A 290 -22.26 -22.97 -2.57
N VAL A 291 -22.83 -21.87 -2.08
CA VAL A 291 -23.61 -20.94 -2.90
C VAL A 291 -22.95 -20.64 -4.26
N LEU A 292 -21.64 -20.43 -4.25
CA LEU A 292 -20.90 -20.08 -5.46
C LEU A 292 -20.78 -21.24 -6.46
N CYS A 293 -20.43 -22.42 -5.95
CA CYS A 293 -20.24 -23.59 -6.79
C CYS A 293 -21.56 -24.23 -7.22
N GLN A 294 -22.65 -23.83 -6.56
CA GLN A 294 -23.96 -24.41 -6.85
C GLN A 294 -24.86 -23.45 -7.61
N ALA A 295 -25.36 -22.43 -6.93
CA ALA A 295 -26.28 -21.47 -7.53
C ALA A 295 -25.66 -20.69 -8.67
N HIS A 296 -24.34 -20.52 -8.63
CA HIS A 296 -23.65 -19.72 -9.63
C HIS A 296 -22.90 -20.56 -10.63
N GLY A 297 -22.44 -21.73 -10.20
CA GLY A 297 -21.78 -22.66 -11.09
C GLY A 297 -20.27 -22.52 -11.17
N LEU A 298 -19.67 -21.87 -10.17
CA LEU A 298 -18.21 -21.75 -10.13
C LEU A 298 -17.57 -23.06 -9.72
N THR A 299 -16.31 -23.27 -10.12
CA THR A 299 -15.56 -24.42 -9.60
C THR A 299 -14.97 -24.00 -8.27
N PRO A 300 -14.61 -24.97 -7.42
CA PRO A 300 -13.81 -24.64 -6.24
C PRO A 300 -12.46 -24.01 -6.60
N GLN A 301 -11.93 -24.36 -7.76
CA GLN A 301 -10.63 -23.85 -8.21
C GLN A 301 -10.76 -22.36 -8.38
N GLN A 302 -11.88 -21.97 -8.96
CA GLN A 302 -12.18 -20.57 -9.22
C GLN A 302 -12.40 -19.82 -7.92
N VAL A 303 -13.08 -20.47 -6.98
CA VAL A 303 -13.37 -19.86 -5.69
C VAL A 303 -12.06 -19.72 -4.92
N VAL A 304 -11.19 -20.73 -5.01
CA VAL A 304 -9.91 -20.65 -4.33
C VAL A 304 -9.11 -19.48 -4.87
N ALA A 305 -9.17 -19.31 -6.19
CA ALA A 305 -8.35 -18.32 -6.86
C ALA A 305 -8.80 -16.91 -6.53
N ILE A 306 -10.09 -16.75 -6.29
CA ILE A 306 -10.64 -15.46 -5.88
C ILE A 306 -10.24 -15.15 -4.44
N ALA A 307 -10.28 -16.15 -3.58
CA ALA A 307 -9.99 -15.92 -2.18
C ALA A 307 -8.50 -15.78 -1.90
N SER A 308 -7.65 -16.20 -2.83
CA SER A 308 -6.21 -16.19 -2.58
C SER A 308 -5.55 -14.86 -2.90
N ASN A 309 -6.11 -13.77 -2.36
CA ASN A 309 -5.59 -12.43 -2.52
C ASN A 309 -5.92 -11.67 -1.26
N GLY A 310 -5.23 -10.55 -1.05
CA GLY A 310 -5.54 -9.64 0.04
C GLY A 310 -6.99 -9.18 -0.01
N GLY A 311 -7.65 -9.22 1.16
CA GLY A 311 -9.06 -8.92 1.23
C GLY A 311 -9.93 -9.87 0.42
N GLY A 312 -9.50 -11.12 0.30
CA GLY A 312 -10.23 -12.17 -0.40
C GLY A 312 -11.72 -12.21 -0.08
N LYS A 313 -12.05 -12.12 1.21
CA LYS A 313 -13.45 -12.04 1.62
C LYS A 313 -14.28 -11.04 0.80
N GLN A 314 -13.73 -9.83 0.59
CA GLN A 314 -14.48 -8.78 -0.07
C GLN A 314 -14.77 -9.17 -1.52
N ALA A 315 -13.77 -9.71 -2.19
CA ALA A 315 -13.91 -10.22 -3.55
C ALA A 315 -15.00 -11.29 -3.62
N LEU A 316 -14.85 -12.32 -2.78
CA LEU A 316 -15.83 -13.40 -2.67
C LEU A 316 -17.27 -12.90 -2.55
N GLU A 317 -17.52 -12.00 -1.61
CA GLU A 317 -18.87 -11.50 -1.43
C GLU A 317 -19.38 -10.68 -2.62
N THR A 318 -18.48 -9.92 -3.26
CA THR A 318 -18.88 -9.06 -4.35
C THR A 318 -19.18 -9.90 -5.57
N VAL A 319 -18.43 -10.98 -5.75
CA VAL A 319 -18.70 -11.90 -6.83
C VAL A 319 -20.11 -12.48 -6.69
N GLN A 320 -20.42 -12.97 -5.50
CA GLN A 320 -21.74 -13.54 -5.23
C GLN A 320 -22.85 -12.52 -5.49
N ARG A 321 -22.59 -11.27 -5.15
CA ARG A 321 -23.57 -10.22 -5.34
C ARG A 321 -23.64 -9.73 -6.81
N LEU A 322 -22.59 -9.96 -7.58
CA LEU A 322 -22.52 -9.37 -8.93
C LEU A 322 -22.44 -10.36 -10.09
N LEU A 323 -22.07 -11.61 -9.82
CA LEU A 323 -22.08 -12.66 -10.83
C LEU A 323 -23.33 -12.73 -11.72
N PRO A 324 -24.52 -12.52 -11.14
CA PRO A 324 -25.65 -12.45 -12.08
C PRO A 324 -25.58 -11.24 -12.98
N VAL A 325 -25.85 -10.05 -12.44
CA VAL A 325 -25.97 -8.82 -13.24
C VAL A 325 -24.83 -8.60 -14.24
N LEU A 326 -23.65 -9.14 -13.95
CA LEU A 326 -22.53 -8.99 -14.86
C LEU A 326 -22.64 -9.95 -16.04
N CYS A 327 -23.01 -11.19 -15.75
CA CYS A 327 -23.08 -12.22 -16.78
C CYS A 327 -24.30 -12.13 -17.70
N GLN A 328 -25.23 -11.23 -17.41
CA GLN A 328 -26.50 -11.21 -18.14
C GLN A 328 -27.03 -9.82 -18.45
N ALA A 329 -26.40 -8.78 -17.92
CA ALA A 329 -26.82 -7.42 -18.23
C ALA A 329 -25.71 -6.63 -18.92
N HIS A 330 -24.49 -7.17 -18.87
CA HIS A 330 -23.37 -6.60 -19.61
C HIS A 330 -22.73 -7.67 -20.50
N GLY A 331 -23.29 -8.88 -20.48
CA GLY A 331 -22.84 -9.96 -21.32
C GLY A 331 -21.41 -10.43 -21.07
N LEU A 332 -20.93 -10.27 -19.84
CA LEU A 332 -19.63 -10.80 -19.47
C LEU A 332 -19.76 -12.29 -19.20
N THR A 333 -18.64 -13.00 -19.19
CA THR A 333 -18.66 -14.42 -18.90
C THR A 333 -18.11 -14.63 -17.49
N PRO A 334 -18.52 -15.72 -16.83
CA PRO A 334 -18.06 -15.97 -15.46
C PRO A 334 -16.55 -16.08 -15.36
N GLN A 335 -15.88 -16.58 -16.38
CA GLN A 335 -14.42 -16.69 -16.35
C GLN A 335 -13.78 -15.31 -16.32
N GLN A 336 -14.44 -14.34 -16.93
CA GLN A 336 -13.96 -12.97 -16.97
C GLN A 336 -14.15 -12.35 -15.60
N VAL A 337 -15.35 -12.55 -15.07
CA VAL A 337 -15.70 -12.09 -13.73
C VAL A 337 -14.73 -12.63 -12.68
N VAL A 338 -14.34 -13.90 -12.83
CA VAL A 338 -13.38 -14.49 -11.93
C VAL A 338 -12.03 -13.79 -12.09
N ALA A 339 -11.66 -13.56 -13.34
CA ALA A 339 -10.36 -12.97 -13.65
C ALA A 339 -10.23 -11.58 -13.04
N ILE A 340 -11.30 -10.80 -13.11
CA ILE A 340 -11.32 -9.48 -12.52
C ILE A 340 -11.27 -9.57 -10.99
N ALA A 341 -11.97 -10.54 -10.44
CA ALA A 341 -12.08 -10.64 -9.00
C ALA A 341 -10.82 -11.18 -8.35
N SER A 342 -9.90 -11.73 -9.14
CA SER A 342 -8.80 -12.50 -8.57
C SER A 342 -7.54 -11.69 -8.32
N HIS A 343 -7.69 -10.46 -7.85
CA HIS A 343 -6.55 -9.64 -7.48
C HIS A 343 -6.90 -8.92 -6.18
N ASP A 344 -5.89 -8.41 -5.48
CA ASP A 344 -6.13 -7.53 -4.34
C ASP A 344 -7.10 -6.43 -4.78
N GLY A 345 -8.14 -6.19 -4.00
CA GLY A 345 -9.07 -5.11 -4.31
C GLY A 345 -10.06 -5.52 -5.38
N GLY A 346 -10.18 -6.83 -5.55
CA GLY A 346 -11.08 -7.41 -6.54
C GLY A 346 -12.47 -6.84 -6.45
N LYS A 347 -12.94 -6.63 -5.22
CA LYS A 347 -14.25 -6.05 -4.99
C LYS A 347 -14.38 -4.68 -5.64
N GLN A 348 -13.40 -3.82 -5.37
CA GLN A 348 -13.35 -2.49 -5.93
C GLN A 348 -13.36 -2.55 -7.46
N ALA A 349 -12.59 -3.48 -8.01
CA ALA A 349 -12.52 -3.63 -9.46
C ALA A 349 -13.88 -4.06 -10.03
N LEU A 350 -14.48 -5.10 -9.44
CA LEU A 350 -15.78 -5.59 -9.90
C LEU A 350 -16.86 -4.50 -9.90
N GLU A 351 -16.91 -3.74 -8.82
CA GLU A 351 -17.89 -2.68 -8.71
C GLU A 351 -17.65 -1.60 -9.75
N THR A 352 -16.38 -1.34 -10.04
CA THR A 352 -16.06 -0.27 -10.95
C THR A 352 -16.37 -0.68 -12.39
N VAL A 353 -16.19 -1.95 -12.70
CA VAL A 353 -16.55 -2.47 -14.00
C VAL A 353 -18.04 -2.30 -14.23
N GLN A 354 -18.85 -2.72 -13.27
CA GLN A 354 -20.29 -2.66 -13.38
C GLN A 354 -20.72 -1.23 -13.64
N ARG A 355 -20.04 -0.28 -13.00
CA ARG A 355 -20.44 1.10 -13.12
C ARG A 355 -19.96 1.73 -14.42
N LEU A 356 -18.76 1.36 -14.88
CA LEU A 356 -18.11 2.07 -15.99
C LEU A 356 -18.06 1.32 -17.33
N LEU A 357 -18.49 0.06 -17.28
CA LEU A 357 -18.54 -0.79 -18.46
C LEU A 357 -19.36 -0.14 -19.58
N PRO A 358 -20.61 0.21 -19.31
CA PRO A 358 -21.39 0.82 -20.39
C PRO A 358 -20.83 2.15 -20.85
N VAL A 359 -20.33 2.96 -19.92
CA VAL A 359 -19.75 4.25 -20.28
C VAL A 359 -18.52 4.13 -21.20
N LEU A 360 -17.64 3.19 -20.91
CA LEU A 360 -16.43 3.03 -21.70
C LEU A 360 -16.70 2.40 -23.06
N CYS A 361 -17.67 1.49 -23.12
CA CYS A 361 -18.00 0.89 -24.41
C CYS A 361 -18.86 1.84 -25.23
N GLN A 362 -19.95 2.33 -24.63
CA GLN A 362 -20.90 3.17 -25.35
C GLN A 362 -20.46 4.60 -25.63
N ALA A 363 -19.48 5.11 -24.90
CA ALA A 363 -19.00 6.48 -25.17
C ALA A 363 -17.62 6.55 -25.79
N HIS A 364 -16.68 5.78 -25.26
CA HIS A 364 -15.30 5.81 -25.75
C HIS A 364 -15.02 4.70 -26.77
N GLY A 365 -16.03 3.88 -27.02
CA GLY A 365 -15.91 2.77 -27.96
C GLY A 365 -14.81 1.78 -27.63
N LEU A 366 -14.76 1.33 -26.38
CA LEU A 366 -13.86 0.24 -26.02
C LEU A 366 -14.64 -1.07 -26.09
N THR A 367 -13.93 -2.18 -26.25
CA THR A 367 -14.58 -3.48 -26.20
C THR A 367 -14.62 -4.00 -24.77
N PRO A 368 -15.61 -4.85 -24.47
CA PRO A 368 -15.68 -5.41 -23.11
C PRO A 368 -14.45 -6.23 -22.75
N GLU A 369 -13.71 -6.69 -23.75
CA GLU A 369 -12.51 -7.47 -23.46
C GLU A 369 -11.42 -6.52 -22.99
N GLN A 370 -11.39 -5.35 -23.61
CA GLN A 370 -10.45 -4.30 -23.22
C GLN A 370 -10.73 -3.81 -21.80
N VAL A 371 -11.99 -3.74 -21.41
CA VAL A 371 -12.32 -3.32 -20.06
C VAL A 371 -11.87 -4.38 -19.06
N VAL A 372 -12.14 -5.64 -19.39
CA VAL A 372 -11.72 -6.76 -18.57
C VAL A 372 -10.21 -6.79 -18.41
N ALA A 373 -9.49 -6.50 -19.49
CA ALA A 373 -8.04 -6.47 -19.45
C ALA A 373 -7.55 -5.36 -18.54
N ILE A 374 -8.22 -4.23 -18.57
CA ILE A 374 -7.83 -3.13 -17.71
C ILE A 374 -8.14 -3.50 -16.25
N ALA A 375 -9.27 -4.17 -16.05
CA ALA A 375 -9.75 -4.45 -14.71
C ALA A 375 -9.03 -5.65 -14.07
N SER A 376 -8.34 -6.46 -14.85
CA SER A 376 -7.76 -7.70 -14.34
C SER A 376 -6.35 -7.52 -13.80
N ASN A 377 -6.18 -6.46 -13.02
CA ASN A 377 -4.93 -6.20 -12.36
C ASN A 377 -5.19 -5.67 -10.96
N GLY A 378 -4.19 -5.75 -10.09
CA GLY A 378 -4.26 -5.04 -8.84
C GLY A 378 -4.46 -3.55 -9.08
N GLY A 379 -5.39 -2.96 -8.34
CA GLY A 379 -5.71 -1.55 -8.50
C GLY A 379 -6.53 -1.38 -9.76
N GLY A 380 -7.25 -2.43 -10.10
CA GLY A 380 -8.08 -2.45 -11.29
C GLY A 380 -9.03 -1.27 -11.28
N LYS A 381 -9.58 -0.97 -10.10
CA LYS A 381 -10.50 0.15 -10.00
C LYS A 381 -9.82 1.48 -10.37
N GLN A 382 -8.61 1.67 -9.88
CA GLN A 382 -7.84 2.87 -10.23
C GLN A 382 -7.58 2.97 -11.74
N ALA A 383 -7.18 1.86 -12.35
CA ALA A 383 -6.84 1.88 -13.77
C ALA A 383 -8.06 2.22 -14.62
N LEU A 384 -9.19 1.60 -14.30
CA LEU A 384 -10.44 1.92 -15.00
C LEU A 384 -10.82 3.39 -14.92
N GLU A 385 -10.75 3.96 -13.72
CA GLU A 385 -11.18 5.35 -13.53
C GLU A 385 -10.27 6.33 -14.24
N THR A 386 -8.99 5.98 -14.32
CA THR A 386 -8.04 6.87 -14.91
C THR A 386 -8.13 6.77 -16.44
N VAL A 387 -8.53 5.61 -16.94
CA VAL A 387 -8.80 5.50 -18.36
C VAL A 387 -9.95 6.43 -18.73
N GLN A 388 -11.05 6.31 -18.02
CA GLN A 388 -12.22 7.15 -18.25
C GLN A 388 -11.90 8.65 -18.29
N ARG A 389 -11.02 9.08 -17.40
CA ARG A 389 -10.64 10.48 -17.31
C ARG A 389 -9.57 10.80 -18.36
N LEU A 390 -8.55 9.96 -18.43
CA LEU A 390 -7.35 10.32 -19.18
C LEU A 390 -7.31 9.86 -20.64
N LEU A 391 -8.21 8.95 -21.03
CA LEU A 391 -8.29 8.51 -22.42
C LEU A 391 -8.57 9.69 -23.38
N PRO A 392 -9.64 10.46 -23.14
CA PRO A 392 -9.87 11.57 -24.07
C PRO A 392 -8.73 12.60 -24.02
N VAL A 393 -8.20 12.83 -22.83
CA VAL A 393 -7.15 13.83 -22.62
C VAL A 393 -5.90 13.45 -23.39
N LEU A 394 -5.58 12.16 -23.38
CA LEU A 394 -4.36 11.66 -24.00
C LEU A 394 -4.50 11.54 -25.52
N CYS A 395 -5.71 11.26 -25.98
CA CYS A 395 -5.93 11.16 -27.41
C CYS A 395 -5.98 12.55 -28.04
N GLN A 396 -6.64 13.48 -27.36
CA GLN A 396 -6.81 14.83 -27.87
C GLN A 396 -5.54 15.67 -27.80
N ALA A 397 -4.77 15.51 -26.73
CA ALA A 397 -3.58 16.33 -26.53
C ALA A 397 -2.36 15.79 -27.26
N HIS A 398 -2.19 14.46 -27.29
CA HIS A 398 -0.97 13.87 -27.83
C HIS A 398 -1.16 12.91 -28.99
N GLY A 399 -2.41 12.65 -29.36
CA GLY A 399 -2.73 11.75 -30.45
C GLY A 399 -2.51 10.28 -30.14
N LEU A 400 -2.53 9.91 -28.86
CA LEU A 400 -2.45 8.50 -28.50
C LEU A 400 -3.72 7.82 -28.99
N THR A 401 -3.61 6.55 -29.36
CA THR A 401 -4.78 5.81 -29.77
C THR A 401 -5.39 5.21 -28.53
N PRO A 402 -6.67 4.88 -28.61
CA PRO A 402 -7.28 4.21 -27.46
C PRO A 402 -6.62 2.86 -27.21
N GLU A 403 -6.15 2.20 -28.27
CA GLU A 403 -5.39 0.95 -28.12
C GLU A 403 -4.16 1.14 -27.24
N GLN A 404 -3.42 2.21 -27.50
CA GLN A 404 -2.24 2.55 -26.71
C GLN A 404 -2.58 2.88 -25.25
N VAL A 405 -3.74 3.48 -25.02
CA VAL A 405 -4.15 3.84 -23.67
C VAL A 405 -4.48 2.60 -22.88
N VAL A 406 -5.18 1.67 -23.53
CA VAL A 406 -5.50 0.38 -22.93
C VAL A 406 -4.22 -0.35 -22.51
N ALA A 407 -3.26 -0.41 -23.42
CA ALA A 407 -2.00 -1.09 -23.20
C ALA A 407 -1.27 -0.57 -21.97
N ILE A 408 -1.27 0.74 -21.81
CA ILE A 408 -0.57 1.36 -20.70
C ILE A 408 -1.30 1.02 -19.38
N ALA A 409 -2.62 0.99 -19.45
CA ALA A 409 -3.43 0.81 -18.25
C ALA A 409 -3.59 -0.66 -17.82
N SER A 410 -3.20 -1.60 -18.67
CA SER A 410 -3.45 -2.99 -18.36
C SER A 410 -2.26 -3.65 -17.68
N HIS A 411 -1.65 -2.95 -16.75
CA HIS A 411 -0.67 -3.55 -15.86
C HIS A 411 -0.97 -3.05 -14.47
N ASP A 412 -0.35 -3.64 -13.45
CA ASP A 412 -0.38 -3.03 -12.10
C ASP A 412 0.18 -1.61 -12.15
N GLY A 413 -0.48 -0.69 -11.48
CA GLY A 413 -0.01 0.69 -11.43
C GLY A 413 -0.31 1.41 -12.71
N GLY A 414 -1.25 0.86 -13.48
CA GLY A 414 -1.66 1.47 -14.73
C GLY A 414 -2.15 2.90 -14.56
N LYS A 415 -2.73 3.20 -13.40
CA LYS A 415 -3.14 4.57 -13.09
C LYS A 415 -1.91 5.46 -13.06
N GLN A 416 -0.84 5.00 -12.41
CA GLN A 416 0.37 5.79 -12.28
C GLN A 416 1.06 5.97 -13.64
N ALA A 417 1.13 4.88 -14.40
CA ALA A 417 1.76 4.93 -15.71
C ALA A 417 1.02 5.98 -16.54
N LEU A 418 -0.31 5.89 -16.55
CA LEU A 418 -1.14 6.84 -17.31
C LEU A 418 -0.90 8.31 -16.94
N GLU A 419 -0.88 8.61 -15.65
CA GLU A 419 -0.67 9.96 -15.19
C GLU A 419 0.75 10.44 -15.47
N THR A 420 1.71 9.53 -15.38
CA THR A 420 3.09 9.88 -15.62
C THR A 420 3.29 10.20 -17.11
N VAL A 421 2.49 9.58 -17.96
CA VAL A 421 2.50 9.90 -19.38
C VAL A 421 2.00 11.33 -19.59
N GLN A 422 0.82 11.63 -19.06
CA GLN A 422 0.26 12.97 -19.14
C GLN A 422 1.26 14.04 -18.69
N ARG A 423 1.99 13.74 -17.62
CA ARG A 423 2.94 14.68 -17.03
C ARG A 423 4.27 14.77 -17.79
N LEU A 424 4.78 13.63 -18.26
CA LEU A 424 6.15 13.59 -18.80
C LEU A 424 6.27 13.48 -20.32
N LEU A 425 5.20 13.09 -21.00
CA LEU A 425 5.25 13.02 -22.46
C LEU A 425 5.70 14.34 -23.13
N PRO A 426 5.17 15.49 -22.70
CA PRO A 426 5.62 16.73 -23.37
C PRO A 426 7.13 17.00 -23.24
N VAL A 427 7.71 16.80 -22.07
CA VAL A 427 9.13 17.08 -21.89
C VAL A 427 10.01 16.04 -22.61
N LEU A 428 9.53 14.81 -22.70
CA LEU A 428 10.31 13.77 -23.38
C LEU A 428 10.28 13.93 -24.90
N CYS A 429 9.13 14.30 -25.46
CA CYS A 429 9.01 14.53 -26.90
C CYS A 429 9.61 15.85 -27.36
N GLN A 430 9.08 16.96 -26.84
CA GLN A 430 9.58 18.29 -27.19
C GLN A 430 11.04 18.48 -26.83
N ALA A 431 11.38 18.33 -25.55
CA ALA A 431 12.72 18.69 -25.10
C ALA A 431 13.77 17.61 -25.27
N HIS A 432 13.37 16.43 -25.74
CA HIS A 432 14.32 15.33 -25.86
C HIS A 432 14.16 14.48 -27.12
N GLY A 433 13.11 14.75 -27.87
CA GLY A 433 12.94 14.16 -29.18
C GLY A 433 12.48 12.71 -29.22
N LEU A 434 12.00 12.20 -28.09
CA LEU A 434 11.33 10.91 -28.13
C LEU A 434 10.03 11.04 -28.92
N THR A 435 9.57 9.92 -29.47
CA THR A 435 8.29 9.88 -30.15
C THR A 435 7.26 9.36 -29.16
N PRO A 436 5.97 9.65 -29.39
CA PRO A 436 4.93 9.09 -28.51
C PRO A 436 4.93 7.57 -28.43
N GLN A 437 5.24 6.87 -29.53
CA GLN A 437 5.28 5.41 -29.51
C GLN A 437 6.32 4.92 -28.50
N GLN A 438 7.45 5.62 -28.46
CA GLN A 438 8.53 5.31 -27.55
C GLN A 438 8.08 5.50 -26.12
N VAL A 439 7.44 6.64 -25.86
CA VAL A 439 6.95 6.94 -24.53
C VAL A 439 5.93 5.90 -24.07
N VAL A 440 4.99 5.58 -24.96
CA VAL A 440 4.01 4.55 -24.70
C VAL A 440 4.67 3.21 -24.43
N ALA A 441 5.70 2.89 -25.20
CA ALA A 441 6.36 1.61 -25.08
C ALA A 441 7.01 1.46 -23.70
N ILE A 442 7.61 2.55 -23.23
CA ILE A 442 8.23 2.58 -21.92
C ILE A 442 7.19 2.43 -20.81
N ALA A 443 5.99 2.97 -21.04
CA ALA A 443 4.92 2.90 -20.05
C ALA A 443 4.11 1.61 -20.14
N SER A 444 4.48 0.76 -21.10
CA SER A 444 3.64 -0.38 -21.45
C SER A 444 4.00 -1.68 -20.72
N ASN A 445 4.83 -1.58 -19.71
CA ASN A 445 5.12 -2.72 -18.84
C ASN A 445 4.56 -2.36 -17.49
N GLY A 446 4.90 -3.13 -16.47
CA GLY A 446 4.71 -2.68 -15.11
C GLY A 446 5.79 -1.64 -14.84
N GLY A 447 5.65 -0.90 -13.75
CA GLY A 447 6.63 0.12 -13.42
C GLY A 447 6.76 1.18 -14.50
N GLY A 448 5.68 1.40 -15.24
CA GLY A 448 5.61 2.45 -16.23
C GLY A 448 5.99 3.78 -15.61
N ARG A 449 5.38 4.11 -14.47
CA ARG A 449 5.73 5.36 -13.80
C ARG A 449 7.24 5.47 -13.54
N PRO A 450 7.81 4.53 -12.74
CA PRO A 450 9.24 4.74 -12.46
C PRO A 450 10.18 4.61 -13.66
N ALA A 451 9.87 3.75 -14.61
CA ALA A 451 10.67 3.70 -15.85
C ALA A 451 10.68 5.09 -16.51
N LEU A 452 9.50 5.66 -16.71
CA LEU A 452 9.42 7.00 -17.27
C LEU A 452 10.16 8.02 -16.42
N GLU A 453 10.08 7.87 -15.10
CA GLU A 453 10.75 8.81 -14.21
C GLU A 453 12.25 8.64 -14.30
N SER A 454 12.69 7.39 -14.37
CA SER A 454 14.09 7.09 -14.47
C SER A 454 14.69 7.65 -15.77
N ILE A 455 13.91 7.57 -16.84
CA ILE A 455 14.36 8.07 -18.14
C ILE A 455 14.53 9.58 -18.10
N VAL A 456 13.57 10.29 -17.52
CA VAL A 456 13.67 11.75 -17.58
C VAL A 456 14.76 12.25 -16.65
N ALA A 457 15.00 11.55 -15.56
CA ALA A 457 16.10 11.89 -14.67
C ALA A 457 17.45 11.81 -15.40
N GLN A 458 17.67 10.74 -16.16
CA GLN A 458 18.90 10.59 -16.92
C GLN A 458 19.04 11.63 -18.03
N LEU A 459 17.96 11.85 -18.75
CA LEU A 459 17.97 12.77 -19.87
C LEU A 459 18.25 14.21 -19.45
N SER A 460 17.80 14.58 -18.26
CA SER A 460 17.92 15.97 -17.83
C SER A 460 19.08 16.19 -16.85
N ARG A 461 19.68 15.10 -16.40
CA ARG A 461 20.81 15.17 -15.47
C ARG A 461 21.58 13.87 -15.57
N PRO A 462 22.32 13.71 -16.66
CA PRO A 462 22.96 12.43 -17.00
C PRO A 462 24.01 11.98 -16.02
N ASP A 463 23.91 10.73 -15.61
CA ASP A 463 25.00 10.03 -14.96
C ASP A 463 25.91 9.55 -16.09
N PRO A 464 27.22 9.67 -15.91
CA PRO A 464 28.20 9.32 -16.95
C PRO A 464 28.04 7.91 -17.52
N ALA A 465 27.78 6.94 -16.66
CA ALA A 465 27.64 5.55 -17.09
C ALA A 465 26.54 5.37 -18.13
N LEU A 466 25.57 6.28 -18.14
CA LEU A 466 24.45 6.19 -19.06
C LEU A 466 24.62 7.14 -20.25
N ALA A 467 25.50 8.12 -20.10
CA ALA A 467 25.73 9.10 -21.15
C ALA A 467 26.40 8.47 -22.37
N ALA A 468 26.80 7.21 -22.25
CA ALA A 468 27.46 6.50 -23.34
C ALA A 468 26.45 5.93 -24.32
N LEU A 469 25.17 6.02 -23.98
CA LEU A 469 24.11 5.50 -24.83
C LEU A 469 23.25 6.61 -25.41
N THR A 470 22.84 6.44 -26.66
CA THR A 470 21.98 7.40 -27.32
C THR A 470 20.59 7.28 -26.70
N ASN A 471 19.78 8.32 -26.88
CA ASN A 471 18.40 8.31 -26.40
C ASN A 471 17.68 7.02 -26.80
N ASP A 472 17.85 6.60 -28.05
CA ASP A 472 17.25 5.37 -28.53
C ASP A 472 17.65 4.14 -27.73
N HIS A 473 18.94 4.04 -27.40
CA HIS A 473 19.44 2.91 -26.61
C HIS A 473 18.82 2.93 -25.20
N LEU A 474 18.71 4.13 -24.63
CA LEU A 474 18.11 4.30 -23.32
C LEU A 474 16.67 3.83 -23.34
N VAL A 475 15.97 4.22 -24.39
CA VAL A 475 14.57 3.87 -24.57
C VAL A 475 14.44 2.36 -24.67
N ALA A 476 15.35 1.75 -25.43
CA ALA A 476 15.33 0.31 -25.64
C ALA A 476 15.60 -0.40 -24.31
N LEU A 477 16.51 0.18 -23.53
CA LEU A 477 16.86 -0.35 -22.22
C LEU A 477 15.73 -0.18 -21.20
N ALA A 478 15.09 0.99 -21.21
CA ALA A 478 13.89 1.21 -20.42
C ALA A 478 12.77 0.23 -20.82
N CYS A 479 12.67 -0.07 -22.11
CA CYS A 479 11.64 -1.01 -22.57
C CYS A 479 11.98 -2.44 -22.23
N LEU A 480 13.27 -2.70 -22.05
CA LEU A 480 13.71 -4.04 -21.74
C LEU A 480 13.40 -4.45 -20.30
N GLY A 481 13.72 -3.58 -19.33
CA GLY A 481 13.47 -3.89 -17.93
C GLY A 481 13.26 -2.69 -17.02
N GLY A 482 12.68 -1.62 -17.54
CA GLY A 482 12.27 -0.47 -16.76
C GLY A 482 13.33 0.20 -15.94
N ARG A 483 12.91 0.78 -14.81
CA ARG A 483 13.85 1.39 -13.86
C ARG A 483 14.97 0.42 -13.41
N PRO A 484 14.62 -0.84 -13.05
CA PRO A 484 15.71 -1.74 -12.63
C PRO A 484 16.76 -1.92 -13.71
N ALA A 485 16.35 -1.88 -14.98
CA ALA A 485 17.27 -2.03 -16.08
C ALA A 485 18.25 -0.86 -16.23
N LEU A 486 17.79 0.37 -15.99
CA LEU A 486 18.68 1.52 -16.01
C LEU A 486 19.67 1.48 -14.84
N ASP A 487 19.18 1.08 -13.68
CA ASP A 487 20.00 1.05 -12.47
C ASP A 487 21.11 0.00 -12.58
N ALA A 488 20.79 -1.15 -13.16
CA ALA A 488 21.75 -2.23 -13.36
C ALA A 488 22.93 -1.79 -14.23
N VAL A 489 22.65 -0.94 -15.21
CA VAL A 489 23.66 -0.50 -16.17
C VAL A 489 24.49 0.64 -15.61
N LYS A 490 23.86 1.52 -14.82
CA LYS A 490 24.57 2.54 -14.07
C LYS A 490 25.66 1.90 -13.21
N LYS A 491 25.34 0.72 -12.67
CA LYS A 491 26.23 -0.01 -11.77
C LYS A 491 27.29 -0.81 -12.51
N LEU A 492 27.83 -0.24 -13.58
CA LEU A 492 28.87 -0.91 -14.36
C LEU A 492 30.07 -0.01 -14.58
#